data_2PXX
#
_entry.id   2PXX
#
_cell.length_a   35.883
_cell.length_b   45.560
_cell.length_c   55.102
_cell.angle_alpha   90.000
_cell.angle_beta   105.870
_cell.angle_gamma   90.000
#
_symmetry.space_group_name_H-M   'P 1 21 1'
#
loop_
_entity.id
_entity.type
_entity.pdbx_description
1 polymer 'Uncharacterized protein MGC2408'
2 non-polymer 'UNKNOWN ATOM OR ION'
3 non-polymer S-ADENOSYL-L-HOMOCYSTEINE
4 water water
#
_entity_poly.entity_id   1
_entity_poly.type   'polypeptide(L)'
_entity_poly.pdbx_seq_one_letter_code
;GSGYREVEYWDQRYQGAADSAPYDWFGDFSSFRALLEPELRPEDRILVLGCGNSALSYELFLGGFPNVTSVDYSSVVVAA
MQACYAHVPQLRWETMDVRKLDFPSASFDVVLEKGTLDALLAGERDPWTVSSEGVHTVDQVLSEVSRVLVPGGRFISMTS
AAPHFRTRHYAQAYYGWSLRHATYGSGFHFHLYLMHKGGKLSVAQLALGAQILSP
;
_entity_poly.pdbx_strand_id   A
#
# COMPACT_ATOMS: atom_id res chain seq x y z
N GLY A 1 -14.72 10.86 -3.32
CA GLY A 1 -15.58 10.26 -4.35
C GLY A 1 -14.80 9.56 -5.43
N SER A 2 -15.48 9.20 -6.53
CA SER A 2 -14.86 8.39 -7.57
C SER A 2 -13.75 9.14 -8.34
N GLY A 3 -13.68 10.46 -8.19
CA GLY A 3 -12.60 11.24 -8.80
C GLY A 3 -11.20 10.83 -8.30
N TYR A 4 -11.14 10.21 -7.12
CA TYR A 4 -9.85 9.74 -6.60
C TYR A 4 -9.24 8.59 -7.37
N ARG A 5 -9.98 8.01 -8.29
CA ARG A 5 -9.46 6.93 -9.11
C ARG A 5 -8.53 7.44 -10.23
N GLU A 6 -8.67 8.72 -10.63
CA GLU A 6 -8.06 9.23 -11.85
C GLU A 6 -6.75 9.97 -11.57
N VAL A 7 -5.74 9.65 -12.34
CA VAL A 7 -4.42 10.29 -12.20
C VAL A 7 -4.51 11.80 -12.36
N GLU A 8 -5.43 12.30 -13.17
CA GLU A 8 -5.51 13.76 -13.40
C GLU A 8 -5.78 14.50 -12.10
N TYR A 9 -6.59 13.91 -11.23
CA TYR A 9 -6.89 14.52 -9.94
C TYR A 9 -5.62 14.62 -9.09
N TRP A 10 -4.83 13.54 -9.03
CA TRP A 10 -3.63 13.50 -8.24
C TRP A 10 -2.55 14.40 -8.81
N ASP A 11 -2.36 14.41 -10.13
CA ASP A 11 -1.37 15.31 -10.74
C ASP A 11 -1.71 16.78 -10.43
N GLN A 12 -3.00 17.14 -10.43
CA GLN A 12 -3.44 18.46 -10.04
C GLN A 12 -3.16 18.74 -8.52
N ARG A 13 -3.53 17.79 -7.67
CA ARG A 13 -3.32 17.90 -6.22
C ARG A 13 -1.84 18.10 -5.87
N TYR A 14 -0.97 17.43 -6.60
CA TYR A 14 0.44 17.39 -6.24
C TYR A 14 1.30 18.45 -6.89
N GLN A 15 0.71 19.40 -7.61
CA GLN A 15 1.49 20.55 -8.08
C GLN A 15 2.09 21.25 -6.84
N GLY A 16 3.38 21.56 -6.87
CA GLY A 16 4.05 22.22 -5.73
C GLY A 16 4.37 21.33 -4.52
N ALA A 17 4.20 20.00 -4.66
CA ALA A 17 4.37 19.09 -3.51
C ALA A 17 5.82 19.09 -2.97
N ALA A 18 6.82 19.48 -3.76
CA ALA A 18 8.19 19.47 -3.26
C ALA A 18 8.39 20.49 -2.13
N ASP A 19 7.63 21.60 -2.19
CA ASP A 19 7.72 22.70 -1.22
C ASP A 19 6.69 22.66 -0.09
N SER A 20 5.58 21.96 -0.30
CA SER A 20 4.50 21.87 0.68
CA SER A 20 4.52 21.91 0.70
C SER A 20 4.86 20.86 1.76
N ALA A 21 4.16 20.92 2.89
CA ALA A 21 4.35 19.95 3.97
C ALA A 21 4.00 18.54 3.46
N PRO A 22 4.69 17.50 3.96
CA PRO A 22 4.22 16.10 3.70
C PRO A 22 2.79 15.96 4.13
N TYR A 23 2.06 15.02 3.53
CA TYR A 23 0.70 14.73 3.90
C TYR A 23 0.54 13.22 3.97
N ASP A 24 -0.10 12.73 5.04
CA ASP A 24 -0.31 11.31 5.22
C ASP A 24 -1.80 10.98 5.43
N TRP A 25 -2.32 10.09 4.58
CA TRP A 25 -3.65 9.49 4.75
C TRP A 25 -3.66 8.39 5.78
N PHE A 26 -4.71 8.34 6.60
CA PHE A 26 -4.94 7.22 7.53
C PHE A 26 -3.76 7.05 8.47
N GLY A 27 -3.31 8.17 8.97
CA GLY A 27 -2.25 8.20 9.94
C GLY A 27 -0.86 8.35 9.34
N ASP A 28 0.02 9.02 10.08
CA ASP A 28 1.44 9.00 9.78
C ASP A 28 2.14 7.81 10.50
N PHE A 29 3.42 7.64 10.17
CA PHE A 29 4.26 6.56 10.73
C PHE A 29 4.10 6.37 12.25
N SER A 30 3.99 7.48 13.00
CA SER A 30 3.87 7.40 14.47
C SER A 30 2.66 6.56 14.94
N SER A 31 1.58 6.58 14.15
CA SER A 31 0.31 5.95 14.50
CA SER A 31 0.36 5.97 14.59
C SER A 31 0.37 4.44 14.41
N PHE A 32 1.27 3.91 13.56
CA PHE A 32 1.30 2.43 13.34
C PHE A 32 2.68 1.82 13.37
N ARG A 33 3.71 2.59 13.72
CA ARG A 33 5.09 2.03 13.72
C ARG A 33 5.28 0.92 14.78
N ALA A 34 4.53 0.98 15.88
CA ALA A 34 4.56 -0.14 16.88
C ALA A 34 4.10 -1.46 16.28
N LEU A 35 3.12 -1.40 15.37
CA LEU A 35 2.67 -2.58 14.63
C LEU A 35 3.62 -2.95 13.49
N LEU A 36 4.14 -1.94 12.78
CA LEU A 36 4.92 -2.17 11.59
C LEU A 36 6.35 -2.57 11.85
N GLU A 37 7.05 -1.84 12.73
CA GLU A 37 8.48 -2.08 12.84
C GLU A 37 8.87 -3.51 13.26
N PRO A 38 8.09 -4.16 14.16
CA PRO A 38 8.43 -5.57 14.50
C PRO A 38 8.31 -6.54 13.33
N GLU A 39 7.74 -6.09 12.21
CA GLU A 39 7.61 -6.96 11.03
C GLU A 39 8.71 -6.71 9.99
N LEU A 40 9.61 -5.77 10.28
CA LEU A 40 10.64 -5.33 9.35
C LEU A 40 12.04 -5.68 9.86
N ARG A 41 12.97 -5.82 8.92
CA ARG A 41 14.40 -6.01 9.20
C ARG A 41 15.16 -4.90 8.53
N PRO A 42 16.26 -4.42 9.14
CA PRO A 42 16.98 -3.29 8.56
C PRO A 42 17.41 -3.55 7.10
N GLU A 43 17.70 -4.81 6.76
CA GLU A 43 18.16 -5.16 5.40
C GLU A 43 17.01 -5.37 4.42
N ASP A 44 15.76 -5.29 4.88
CA ASP A 44 14.61 -5.55 3.98
C ASP A 44 14.59 -4.58 2.79
N ARG A 45 14.37 -5.13 1.60
CA ARG A 45 14.06 -4.35 0.42
C ARG A 45 12.59 -4.06 0.42
N ILE A 46 12.23 -2.77 0.56
CA ILE A 46 10.86 -2.34 0.81
C ILE A 46 10.35 -1.52 -0.40
N LEU A 47 9.14 -1.88 -0.86
CA LEU A 47 8.45 -1.17 -1.95
C LEU A 47 7.19 -0.53 -1.37
N VAL A 48 7.05 0.78 -1.55
CA VAL A 48 5.91 1.52 -1.04
C VAL A 48 5.02 1.91 -2.26
N LEU A 49 3.80 1.41 -2.26
CA LEU A 49 2.85 1.61 -3.36
C LEU A 49 2.02 2.88 -3.18
N GLY A 50 1.86 3.65 -4.29
CA GLY A 50 1.09 4.87 -4.28
C GLY A 50 1.51 5.80 -3.17
N CYS A 51 2.80 6.10 -3.17
CA CYS A 51 3.48 6.81 -2.11
C CYS A 51 2.92 8.24 -1.87
N GLY A 52 2.40 8.89 -2.91
CA GLY A 52 2.01 10.29 -2.81
C GLY A 52 3.11 11.14 -2.20
N ASN A 53 2.71 12.17 -1.43
CA ASN A 53 3.66 13.00 -0.71
C ASN A 53 3.68 12.67 0.77
N SER A 54 3.45 11.40 1.09
CA SER A 54 3.60 10.86 2.43
C SER A 54 5.05 10.94 2.95
N ALA A 55 5.16 11.08 4.26
CA ALA A 55 6.47 11.07 4.93
C ALA A 55 6.90 9.63 5.31
N LEU A 56 6.07 8.62 4.99
CA LEU A 56 6.35 7.22 5.40
C LEU A 56 7.69 6.74 4.91
N SER A 57 7.99 6.97 3.63
CA SER A 57 9.28 6.50 3.08
C SER A 57 10.50 7.08 3.79
N TYR A 58 10.46 8.39 4.01
CA TYR A 58 11.50 9.07 4.75
C TYR A 58 11.58 8.58 6.21
N GLU A 59 10.44 8.38 6.87
CA GLU A 59 10.40 7.89 8.24
C GLU A 59 10.99 6.50 8.36
N LEU A 60 10.75 5.65 7.37
CA LEU A 60 11.39 4.32 7.39
C LEU A 60 12.91 4.48 7.35
N PHE A 61 13.41 5.37 6.49
CA PHE A 61 14.84 5.63 6.40
C PHE A 61 15.40 6.13 7.73
N LEU A 62 14.75 7.11 8.33
CA LEU A 62 15.23 7.66 9.57
C LEU A 62 15.20 6.62 10.65
N GLY A 63 14.27 5.67 10.55
CA GLY A 63 14.14 4.60 11.52
C GLY A 63 15.06 3.41 11.33
N GLY A 64 15.95 3.46 10.37
CA GLY A 64 16.96 2.41 10.19
C GLY A 64 16.69 1.42 9.04
N PHE A 65 15.75 1.78 8.18
CA PHE A 65 15.34 0.92 7.04
C PHE A 65 15.59 1.70 5.73
N PRO A 66 16.86 1.72 5.26
CA PRO A 66 17.25 2.54 4.10
C PRO A 66 16.83 2.04 2.72
N ASN A 67 16.48 0.75 2.59
CA ASN A 67 16.25 0.17 1.29
C ASN A 67 14.83 0.39 0.83
N VAL A 68 14.47 1.63 0.53
CA VAL A 68 13.07 1.96 0.22
C VAL A 68 12.94 2.46 -1.20
N THR A 69 12.01 1.86 -1.92
CA THR A 69 11.56 2.29 -3.25
C THR A 69 10.09 2.65 -3.16
N SER A 70 9.73 3.77 -3.75
CA SER A 70 8.38 4.31 -3.66
C SER A 70 7.86 4.63 -5.03
N VAL A 71 6.64 4.17 -5.32
CA VAL A 71 6.03 4.37 -6.60
C VAL A 71 4.64 5.02 -6.55
N ASP A 72 4.28 5.70 -7.63
CA ASP A 72 2.97 6.39 -7.75
C ASP A 72 2.72 6.64 -9.24
N TYR A 73 1.45 6.63 -9.68
CA TYR A 73 1.17 6.88 -11.07
C TYR A 73 1.13 8.39 -11.40
N SER A 74 1.16 9.23 -10.36
CA SER A 74 1.33 10.67 -10.55
C SER A 74 2.83 10.98 -10.78
N SER A 75 3.19 11.26 -12.03
CA SER A 75 4.58 11.59 -12.35
C SER A 75 4.96 12.92 -11.68
N VAL A 76 3.97 13.78 -11.53
CA VAL A 76 4.16 15.03 -10.85
C VAL A 76 4.65 14.81 -9.45
N VAL A 77 3.99 13.93 -8.68
CA VAL A 77 4.43 13.70 -7.30
C VAL A 77 5.75 12.94 -7.25
N VAL A 78 6.02 12.11 -8.23
CA VAL A 78 7.30 11.38 -8.23
C VAL A 78 8.48 12.35 -8.42
N ALA A 79 8.36 13.26 -9.39
CA ALA A 79 9.35 14.29 -9.59
C ALA A 79 9.52 15.16 -8.33
N ALA A 80 8.41 15.51 -7.71
CA ALA A 80 8.44 16.34 -6.50
C ALA A 80 9.14 15.63 -5.37
N MET A 81 8.86 14.33 -5.16
CA MET A 81 9.54 13.56 -4.08
C MET A 81 11.02 13.32 -4.40
N GLN A 82 11.37 13.16 -5.67
CA GLN A 82 12.77 13.08 -6.07
C GLN A 82 13.53 14.35 -5.65
N ALA A 83 12.91 15.51 -5.86
CA ALA A 83 13.49 16.80 -5.48
C ALA A 83 13.53 17.01 -3.97
N CYS A 84 12.42 16.76 -3.29
CA CYS A 84 12.32 16.93 -1.81
C CYS A 84 13.29 16.05 -1.03
N TYR A 85 13.53 14.82 -1.56
CA TYR A 85 14.36 13.82 -0.88
C TYR A 85 15.69 13.57 -1.60
N ALA A 86 16.15 14.59 -2.32
CA ALA A 86 17.43 14.53 -3.02
C ALA A 86 18.59 14.33 -2.03
N HIS A 87 18.37 14.71 -0.78
CA HIS A 87 19.36 14.50 0.29
C HIS A 87 19.42 13.08 0.82
N VAL A 88 18.56 12.20 0.30
CA VAL A 88 18.52 10.80 0.73
C VAL A 88 18.58 9.89 -0.51
N PRO A 89 19.80 9.68 -1.05
CA PRO A 89 20.00 8.85 -2.26
C PRO A 89 19.51 7.40 -2.12
N GLN A 90 19.48 6.88 -0.90
CA GLN A 90 19.01 5.52 -0.60
C GLN A 90 17.57 5.32 -1.04
N LEU A 91 16.77 6.38 -0.93
CA LEU A 91 15.38 6.38 -1.35
C LEU A 91 15.26 6.53 -2.84
N ARG A 92 14.52 5.60 -3.44
CA ARG A 92 14.24 5.59 -4.85
C ARG A 92 12.74 5.91 -5.10
N TRP A 93 12.47 6.61 -6.20
CA TRP A 93 11.11 7.04 -6.55
C TRP A 93 10.84 6.78 -8.01
N GLU A 94 9.75 6.14 -8.38
CA GLU A 94 9.44 5.91 -9.81
C GLU A 94 7.97 6.01 -10.12
N THR A 95 7.70 6.53 -11.32
CA THR A 95 6.31 6.63 -11.83
C THR A 95 5.89 5.29 -12.33
N MET A 96 4.77 4.81 -11.82
CA MET A 96 4.32 3.45 -12.09
C MET A 96 2.87 3.29 -11.72
N ASP A 97 2.13 2.51 -12.50
CA ASP A 97 0.79 2.11 -12.10
C ASP A 97 0.95 0.81 -11.29
N VAL A 98 0.42 0.76 -10.12
CA VAL A 98 0.59 -0.40 -9.24
C VAL A 98 -0.16 -1.65 -9.69
N ARG A 99 -0.98 -1.52 -10.75
CA ARG A 99 -1.61 -2.67 -11.38
C ARG A 99 -0.64 -3.41 -12.28
N LYS A 100 0.51 -2.78 -12.60
CA LYS A 100 1.58 -3.42 -13.36
C LYS A 100 2.93 -2.93 -12.82
N LEU A 101 3.51 -3.70 -11.91
CA LEU A 101 4.80 -3.30 -11.29
C LEU A 101 5.91 -3.68 -12.24
N ASP A 102 6.69 -2.69 -12.68
CA ASP A 102 7.76 -2.93 -13.66
C ASP A 102 9.05 -3.28 -12.95
N PHE A 103 9.01 -4.32 -12.17
CA PHE A 103 10.16 -4.92 -11.52
C PHE A 103 10.16 -6.39 -11.83
N PRO A 104 11.34 -7.03 -11.89
CA PRO A 104 11.37 -8.49 -12.03
C PRO A 104 10.72 -9.13 -10.83
N SER A 105 10.22 -10.35 -11.00
CA SER A 105 9.64 -11.09 -9.88
C SER A 105 10.67 -11.32 -8.73
N ALA A 106 10.17 -11.42 -7.51
CA ALA A 106 11.01 -11.66 -6.32
C ALA A 106 12.12 -10.64 -6.16
N SER A 107 11.76 -9.35 -6.22
CA SER A 107 12.71 -8.23 -6.08
C SER A 107 12.63 -7.56 -4.72
N PHE A 108 11.57 -7.82 -3.95
CA PHE A 108 11.35 -7.15 -2.70
C PHE A 108 11.05 -8.10 -1.56
N ASP A 109 11.43 -7.71 -0.34
CA ASP A 109 11.11 -8.46 0.86
C ASP A 109 9.82 -8.01 1.52
N VAL A 110 9.48 -6.73 1.37
CA VAL A 110 8.30 -6.17 1.96
C VAL A 110 7.68 -5.20 0.99
N VAL A 111 6.35 -5.22 0.90
CA VAL A 111 5.58 -4.22 0.15
C VAL A 111 4.61 -3.60 1.12
N LEU A 112 4.55 -2.25 1.14
CA LEU A 112 3.63 -1.51 1.96
C LEU A 112 2.68 -0.72 1.07
N GLU A 113 1.45 -0.53 1.51
CA GLU A 113 0.55 0.39 0.86
C GLU A 113 -0.35 1.03 1.91
N LYS A 114 -0.53 2.36 1.82
CA LYS A 114 -1.37 3.11 2.74
C LYS A 114 -2.27 3.99 1.89
N GLY A 115 -3.55 3.64 1.81
CA GLY A 115 -4.53 4.45 1.14
C GLY A 115 -4.56 4.32 -0.36
N THR A 116 -3.77 3.40 -0.93
CA THR A 116 -3.72 3.26 -2.40
C THR A 116 -4.84 2.39 -2.94
N LEU A 117 -5.09 1.25 -2.31
CA LEU A 117 -6.23 0.44 -2.73
C LEU A 117 -7.54 1.18 -2.43
N ASP A 118 -7.52 2.07 -1.42
CA ASP A 118 -8.64 2.92 -1.17
C ASP A 118 -8.96 3.83 -2.37
N ALA A 119 -7.93 4.36 -3.03
CA ALA A 119 -8.14 5.11 -4.27
C ALA A 119 -8.79 4.26 -5.35
N LEU A 120 -8.28 3.03 -5.54
CA LEU A 120 -8.85 2.13 -6.55
C LEU A 120 -10.32 1.82 -6.30
N LEU A 121 -10.71 1.79 -5.02
CA LEU A 121 -12.09 1.44 -4.60
C LEU A 121 -12.93 2.68 -4.26
N ALA A 122 -12.43 3.86 -4.59
CA ALA A 122 -13.13 5.12 -4.26
C ALA A 122 -14.38 5.26 -5.08
N GLY A 123 -15.46 5.72 -4.43
CA GLY A 123 -16.71 6.04 -5.10
C GLY A 123 -17.63 4.86 -5.40
N GLU A 124 -17.25 3.63 -4.98
CA GLU A 124 -18.12 2.43 -5.13
C GLU A 124 -19.52 2.77 -4.65
N ARG A 125 -20.53 2.45 -5.46
CA ARG A 125 -21.95 2.77 -5.12
C ARG A 125 -22.41 2.08 -3.85
N ASP A 126 -22.03 0.81 -3.69
CA ASP A 126 -22.48 -0.03 -2.56
C ASP A 126 -21.26 -0.58 -1.85
N PRO A 127 -21.03 -0.14 -0.61
CA PRO A 127 -19.84 -0.70 0.06
C PRO A 127 -19.90 -2.23 0.24
N TRP A 128 -21.09 -2.83 0.19
CA TRP A 128 -21.24 -4.27 0.42
C TRP A 128 -21.09 -5.10 -0.87
N THR A 129 -21.20 -4.47 -2.04
CA THR A 129 -21.21 -5.18 -3.32
C THR A 129 -20.22 -4.54 -4.26
N VAL A 130 -19.09 -5.21 -4.48
CA VAL A 130 -17.96 -4.59 -5.23
C VAL A 130 -18.21 -4.68 -6.74
N SER A 131 -18.08 -3.53 -7.44
CA SER A 131 -18.17 -3.50 -8.93
C SER A 131 -17.16 -4.43 -9.56
N SER A 132 -17.44 -4.88 -10.76
CA SER A 132 -16.54 -5.72 -11.51
C SER A 132 -15.18 -5.07 -11.65
N GLU A 133 -15.13 -3.79 -12.01
CA GLU A 133 -13.83 -3.13 -12.13
C GLU A 133 -13.08 -3.09 -10.80
N GLY A 134 -13.76 -2.78 -9.70
CA GLY A 134 -13.11 -2.72 -8.37
C GLY A 134 -12.50 -4.03 -7.99
N VAL A 135 -13.19 -5.13 -8.26
CA VAL A 135 -12.67 -6.44 -7.98
C VAL A 135 -11.41 -6.68 -8.85
N HIS A 136 -11.50 -6.43 -10.16
CA HIS A 136 -10.42 -6.73 -11.08
C HIS A 136 -9.16 -5.90 -10.83
N THR A 137 -9.32 -4.59 -10.64
CA THR A 137 -8.15 -3.73 -10.48
C THR A 137 -7.41 -4.04 -9.19
N VAL A 138 -8.14 -4.27 -8.11
CA VAL A 138 -7.52 -4.63 -6.85
C VAL A 138 -6.83 -5.98 -6.96
N ASP A 139 -7.49 -6.95 -7.63
CA ASP A 139 -6.86 -8.28 -7.84
C ASP A 139 -5.54 -8.15 -8.63
N GLN A 140 -5.53 -7.28 -9.65
CA GLN A 140 -4.29 -7.00 -10.42
C GLN A 140 -3.18 -6.55 -9.51
N VAL A 141 -3.46 -5.58 -8.65
CA VAL A 141 -2.44 -5.06 -7.77
C VAL A 141 -1.92 -6.13 -6.85
N LEU A 142 -2.82 -6.87 -6.24
CA LEU A 142 -2.45 -7.92 -5.30
C LEU A 142 -1.68 -9.03 -5.96
N SER A 143 -2.06 -9.42 -7.15
CA SER A 143 -1.27 -10.39 -7.88
C SER A 143 0.17 -9.89 -8.08
N GLU A 144 0.33 -8.63 -8.45
CA GLU A 144 1.64 -8.06 -8.65
C GLU A 144 2.45 -7.96 -7.38
N VAL A 145 1.79 -7.61 -6.28
CA VAL A 145 2.47 -7.59 -5.02
C VAL A 145 3.03 -8.98 -4.71
N SER A 146 2.20 -10.01 -4.83
CA SER A 146 2.67 -11.36 -4.58
C SER A 146 3.81 -11.75 -5.50
N ARG A 147 3.72 -11.36 -6.76
CA ARG A 147 4.76 -11.65 -7.73
C ARG A 147 6.11 -10.97 -7.38
N VAL A 148 6.11 -9.69 -7.02
CA VAL A 148 7.38 -8.99 -6.80
C VAL A 148 7.98 -9.34 -5.45
N LEU A 149 7.18 -9.87 -4.50
CA LEU A 149 7.74 -10.37 -3.23
C LEU A 149 8.50 -11.66 -3.44
N VAL A 150 9.60 -11.79 -2.72
CA VAL A 150 10.30 -13.05 -2.62
C VAL A 150 9.44 -14.07 -1.89
N PRO A 151 9.80 -15.36 -2.01
CA PRO A 151 9.16 -16.31 -1.17
C PRO A 151 9.47 -15.94 0.28
N GLY A 152 8.46 -16.00 1.11
CA GLY A 152 8.60 -15.61 2.47
C GLY A 152 8.37 -14.13 2.71
N GLY A 153 8.10 -13.34 1.65
CA GLY A 153 7.95 -11.86 1.78
C GLY A 153 6.65 -11.48 2.46
N ARG A 154 6.53 -10.20 2.82
CA ARG A 154 5.39 -9.67 3.56
C ARG A 154 4.76 -8.48 2.83
N PHE A 155 3.44 -8.43 2.84
CA PHE A 155 2.69 -7.28 2.35
C PHE A 155 1.86 -6.74 3.47
N ILE A 156 1.97 -5.43 3.72
CA ILE A 156 1.28 -4.77 4.82
C ILE A 156 0.50 -3.57 4.28
N SER A 157 -0.80 -3.56 4.56
CA SER A 157 -1.77 -2.63 4.01
C SER A 157 -2.42 -1.83 5.12
N MET A 158 -2.56 -0.53 4.90
CA MET A 158 -3.10 0.39 5.89
CA MET A 158 -3.08 0.43 5.90
C MET A 158 -4.23 1.15 5.24
N THR A 159 -5.40 1.12 5.88
CA THR A 159 -6.62 1.58 5.24
C THR A 159 -7.70 1.90 6.25
N SER A 160 -8.66 2.69 5.84
CA SER A 160 -9.86 2.93 6.66
C SER A 160 -10.90 1.78 6.52
N ALA A 161 -10.65 0.83 5.61
CA ALA A 161 -11.62 -0.28 5.35
C ALA A 161 -11.52 -1.39 6.40
N ALA A 162 -12.63 -1.64 7.13
CA ALA A 162 -12.66 -2.67 8.16
C ALA A 162 -12.69 -4.06 7.50
N PRO A 163 -12.34 -5.11 8.28
CA PRO A 163 -12.27 -6.46 7.71
C PRO A 163 -13.55 -6.97 7.00
N HIS A 164 -14.76 -6.59 7.44
CA HIS A 164 -15.98 -7.07 6.73
C HIS A 164 -16.12 -6.50 5.31
N PHE A 165 -15.30 -5.50 4.99
CA PHE A 165 -15.16 -5.07 3.60
C PHE A 165 -13.88 -5.52 2.93
N ARG A 166 -12.76 -5.48 3.62
CA ARG A 166 -11.48 -5.64 2.94
C ARG A 166 -10.94 -7.07 2.90
N THR A 167 -11.33 -7.92 3.86
CA THR A 167 -10.78 -9.28 3.92
C THR A 167 -11.05 -10.03 2.64
N ARG A 168 -12.23 -9.88 2.07
CA ARG A 168 -12.59 -10.57 0.82
C ARG A 168 -11.60 -10.31 -0.29
N HIS A 169 -11.04 -9.09 -0.37
CA HIS A 169 -10.02 -8.79 -1.39
C HIS A 169 -8.70 -9.49 -1.13
N TYR A 170 -8.26 -9.50 0.11
CA TYR A 170 -6.93 -10.09 0.41
C TYR A 170 -6.90 -11.63 0.52
N ALA A 171 -8.05 -12.22 0.78
CA ALA A 171 -8.15 -13.64 1.06
C ALA A 171 -8.39 -14.45 -0.21
N GLN A 172 -7.45 -14.35 -1.14
CA GLN A 172 -7.41 -15.24 -2.29
C GLN A 172 -6.24 -16.20 -2.13
N ALA A 173 -6.51 -17.51 -2.23
CA ALA A 173 -5.46 -18.52 -2.03
C ALA A 173 -4.27 -18.35 -2.96
N TYR A 174 -4.51 -17.94 -4.21
CA TYR A 174 -3.40 -17.94 -5.16
C TYR A 174 -2.35 -16.86 -4.87
N TYR A 175 -2.65 -15.88 -4.02
CA TYR A 175 -1.62 -14.90 -3.60
C TYR A 175 -0.53 -15.56 -2.73
N GLY A 176 -0.88 -16.68 -2.11
CA GLY A 176 0.10 -17.51 -1.35
C GLY A 176 0.51 -16.94 -0.01
N TRP A 177 -0.42 -16.30 0.68
CA TRP A 177 -0.12 -15.69 1.96
C TRP A 177 -1.20 -15.94 3.03
N SER A 178 -0.78 -15.89 4.30
CA SER A 178 -1.69 -15.80 5.42
C SER A 178 -2.15 -14.35 5.55
N LEU A 179 -3.12 -14.12 6.44
CA LEU A 179 -3.71 -12.81 6.64
C LEU A 179 -4.02 -12.58 8.14
N ARG A 180 -3.44 -11.50 8.69
CA ARG A 180 -3.68 -11.05 10.07
C ARG A 180 -4.15 -9.60 10.03
N HIS A 181 -4.78 -9.14 11.10
CA HIS A 181 -5.31 -7.77 11.15
C HIS A 181 -5.16 -7.14 12.53
N ALA A 182 -4.88 -5.84 12.56
CA ALA A 182 -4.86 -5.07 13.79
C ALA A 182 -5.48 -3.70 13.54
N THR A 183 -5.92 -3.01 14.57
CA THR A 183 -6.38 -1.62 14.42
C THR A 183 -5.38 -0.64 15.04
N TYR A 184 -5.44 0.60 14.58
CA TYR A 184 -4.55 1.65 15.03
C TYR A 184 -5.15 3.01 14.75
N GLY A 185 -4.42 4.02 15.20
CA GLY A 185 -4.66 5.38 14.78
C GLY A 185 -5.94 5.98 15.32
N SER A 186 -6.47 6.94 14.57
CA SER A 186 -7.60 7.77 15.02
C SER A 186 -8.79 6.93 15.50
N GLY A 187 -9.12 7.03 16.80
CA GLY A 187 -10.21 6.23 17.42
C GLY A 187 -10.10 4.71 17.22
N PHE A 188 -8.87 4.24 16.99
CA PHE A 188 -8.62 2.83 16.61
C PHE A 188 -9.55 2.40 15.46
N HIS A 189 -9.75 3.30 14.51
CA HIS A 189 -10.67 3.11 13.42
C HIS A 189 -9.94 2.91 12.10
N PHE A 190 -8.60 2.93 12.14
CA PHE A 190 -7.80 2.54 10.95
C PHE A 190 -7.33 1.10 11.11
N HIS A 191 -7.05 0.47 9.98
CA HIS A 191 -6.88 -0.98 9.92
C HIS A 191 -5.57 -1.32 9.27
N LEU A 192 -4.79 -2.20 9.91
CA LEU A 192 -3.55 -2.67 9.35
C LEU A 192 -3.68 -4.16 9.06
N TYR A 193 -3.37 -4.55 7.83
CA TYR A 193 -3.44 -5.97 7.40
C TYR A 193 -2.04 -6.48 7.10
N LEU A 194 -1.69 -7.65 7.68
CA LEU A 194 -0.40 -8.24 7.52
C LEU A 194 -0.53 -9.57 6.80
N MET A 195 0.17 -9.68 5.67
CA MET A 195 0.14 -10.86 4.83
C MET A 195 1.54 -11.42 4.67
N HIS A 196 1.71 -12.70 4.98
CA HIS A 196 3.01 -13.32 4.97
C HIS A 196 3.02 -14.44 3.98
N LYS A 197 3.79 -14.29 2.93
CA LYS A 197 3.83 -15.33 1.92
C LYS A 197 4.38 -16.61 2.50
N GLY A 198 3.73 -17.72 2.16
CA GLY A 198 4.05 -19.04 2.70
C GLY A 198 3.00 -19.51 3.69
N GLY A 199 2.25 -18.56 4.26
CA GLY A 199 1.14 -18.86 5.11
C GLY A 199 -0.14 -19.21 4.34
N LYS A 200 -1.15 -19.59 5.10
CA LYS A 200 -2.44 -20.00 4.58
C LYS A 200 -3.57 -19.17 5.15
N LEU A 201 -4.66 -19.04 4.38
CA LEU A 201 -5.86 -18.39 4.85
C LEU A 201 -6.73 -19.35 5.66
N SER A 202 -7.52 -18.80 6.58
CA SER A 202 -8.50 -19.58 7.32
C SER A 202 -9.70 -19.88 6.41
N VAL A 203 -10.51 -20.87 6.79
CA VAL A 203 -11.74 -21.15 6.03
C VAL A 203 -12.66 -19.94 6.04
N ALA A 204 -12.75 -19.24 7.18
CA ALA A 204 -13.51 -18.01 7.23
C ALA A 204 -13.01 -17.00 6.16
N GLN A 205 -11.69 -16.80 6.10
CA GLN A 205 -11.12 -15.83 5.15
C GLN A 205 -11.42 -16.26 3.69
N LEU A 206 -11.17 -17.54 3.41
CA LEU A 206 -11.45 -18.10 2.07
C LEU A 206 -12.90 -17.98 1.60
N ALA A 207 -13.83 -18.21 2.53
CA ALA A 207 -15.26 -17.99 2.28
C ALA A 207 -15.61 -16.54 1.89
N LEU A 208 -14.98 -15.57 2.57
CA LEU A 208 -15.14 -14.16 2.21
C LEU A 208 -14.50 -13.88 0.82
N GLY A 209 -13.31 -14.45 0.58
CA GLY A 209 -12.64 -14.26 -0.75
C GLY A 209 -13.46 -14.82 -1.91
N ALA A 210 -14.13 -15.95 -1.64
CA ALA A 210 -15.02 -16.58 -2.61
C ALA A 210 -16.24 -15.73 -3.00
N GLN A 211 -16.53 -14.69 -2.20
CA GLN A 211 -17.66 -13.80 -2.48
C GLN A 211 -17.43 -12.89 -3.70
N ILE A 212 -16.16 -12.63 -4.02
CA ILE A 212 -15.84 -11.74 -5.14
C ILE A 212 -15.12 -12.40 -6.33
N LEU A 213 -14.41 -13.50 -6.05
CA LEU A 213 -13.70 -14.28 -7.07
C LEU A 213 -13.90 -15.77 -6.82
#